data_3GZ6
#
_entry.id   3GZ6
#
_cell.length_a   159.580
_cell.length_b   159.580
_cell.length_c   73.067
_cell.angle_alpha   90.00
_cell.angle_beta   90.00
_cell.angle_gamma   120.00
#
_symmetry.space_group_name_H-M   'P 32 1 2'
#
loop_
_entity.id
_entity.type
_entity.pdbx_description
1 polymer 'MutT/nudix family protein'
2 polymer 'DNA (27-MER)'
3 polymer 'DNA (27-MER)'
4 non-polymer 'SODIUM ION'
5 water water
#
loop_
_entity_poly.entity_id
_entity_poly.type
_entity_poly.pdbx_seq_one_letter_code
_entity_poly.pdbx_strand_id
1 'polypeptide(L)'
;GSHMTEAEYLANYDPKAFKAQLLTVDAVLFTYHDQQLKVLLVQRSNHPFLGLWGLPGGFIDETCDESLEQTVLRKLAEKT
AVVPPYIEQLCTVGNNSRDARGWSVTVCYTALMSYQACQIQIASVSDVKWWPLADVLQMPLAFDHLQLIEQARERLTQKA
LYSLVPGFALSEPFTLPELQHVHEVLLGKPIQGKSFRRRVEQADLLIDTGLKRTERGRPANLYCLKPDTASYRFLRNLEC
;
A,B
2 'polydeoxyribonucleotide'
;(DG)(DT)(DA)(DA)(DT)(DA)(DG)(DT)(DG)(DT)(DC)(DT)(DT)(DT)(DA)(DA)(DG)(DA)(DC)(DA)
(DC)(DT)(DA)(DT)(DT)(DA)(DC)
;
D
3 'polydeoxyribonucleotide'
;(DG)(DT)(DA)(DA)(DT)(DA)(DG)(DT)(DG)(DT)(DC)(DT)(DT)(DA)(DA)(DA)(DG)(DA)(DC)(DA)
(DC)(DT)(DA)(DT)(DT)(DA)(DC)
;
C
#
loop_
_chem_comp.id
_chem_comp.type
_chem_comp.name
_chem_comp.formula
DA DNA linking 2'-DEOXYADENOSINE-5'-MONOPHOSPHATE 'C10 H14 N5 O6 P'
DC DNA linking 2'-DEOXYCYTIDINE-5'-MONOPHOSPHATE 'C9 H14 N3 O7 P'
DG DNA linking 2'-DEOXYGUANOSINE-5'-MONOPHOSPHATE 'C10 H14 N5 O7 P'
DT DNA linking THYMIDINE-5'-MONOPHOSPHATE 'C10 H15 N2 O8 P'
NA non-polymer 'SODIUM ION' 'Na 1'
#
# COMPACT_ATOMS: atom_id res chain seq x y z
N GLN A 21 -5.34 16.01 16.82
CA GLN A 21 -5.96 14.85 16.18
C GLN A 21 -7.07 15.32 15.24
N LEU A 22 -8.32 14.94 15.62
CA LEU A 22 -9.58 15.14 14.86
C LEU A 22 -9.69 14.06 13.79
N LEU A 23 -8.61 13.30 13.69
CA LEU A 23 -8.45 12.21 12.75
C LEU A 23 -9.31 11.02 13.16
N THR A 24 -9.42 10.05 12.29
CA THR A 24 -10.15 8.85 12.64
C THR A 24 -9.40 7.62 12.16
N VAL A 25 -9.61 6.50 12.82
CA VAL A 25 -8.93 5.26 12.41
C VAL A 25 -9.95 4.16 12.25
N ASP A 26 -10.15 3.69 11.02
CA ASP A 26 -11.16 2.66 10.74
C ASP A 26 -10.55 1.34 10.29
N ALA A 27 -11.39 0.31 10.17
CA ALA A 27 -10.92 -0.98 9.66
C ALA A 27 -11.99 -1.72 8.89
N VAL A 28 -11.60 -2.24 7.73
CA VAL A 28 -12.44 -3.19 7.03
C VAL A 28 -11.97 -4.57 7.45
N LEU A 29 -12.82 -5.25 8.23
CA LEU A 29 -12.47 -6.55 8.80
C LEU A 29 -13.29 -7.64 8.17
N PHE A 30 -12.62 -8.54 7.47
CA PHE A 30 -13.30 -9.58 6.73
C PHE A 30 -13.19 -10.88 7.46
N THR A 31 -14.07 -11.81 7.14
CA THR A 31 -13.92 -13.20 7.54
C THR A 31 -14.72 -14.00 6.54
N TYR A 32 -14.72 -15.32 6.71
CA TYR A 32 -15.38 -16.22 5.76
C TYR A 32 -16.22 -17.23 6.50
N HIS A 33 -17.48 -17.34 6.10
CA HIS A 33 -18.43 -18.25 6.74
C HIS A 33 -19.59 -18.56 5.82
N ASP A 34 -19.90 -19.84 5.68
CA ASP A 34 -20.97 -20.30 4.79
C ASP A 34 -20.59 -20.03 3.35
N GLN A 35 -19.40 -20.45 2.96
CA GLN A 35 -18.93 -20.15 1.61
C GLN A 35 -19.19 -18.70 1.18
N GLN A 36 -18.86 -17.74 2.04
CA GLN A 36 -18.93 -16.32 1.66
C GLN A 36 -18.16 -15.42 2.62
N LEU A 37 -17.69 -14.31 2.09
CA LEU A 37 -17.08 -13.27 2.92
C LEU A 37 -18.16 -12.50 3.64
N LYS A 38 -17.89 -12.19 4.90
CA LYS A 38 -18.71 -11.28 5.65
C LYS A 38 -17.76 -10.17 6.09
N VAL A 39 -18.32 -9.03 6.49
CA VAL A 39 -17.51 -7.89 6.89
C VAL A 39 -18.14 -7.31 8.13
N LEU A 40 -17.31 -6.90 9.08
CA LEU A 40 -17.82 -6.40 10.35
C LEU A 40 -18.29 -4.97 10.27
N LEU A 41 -19.58 -4.77 10.50
CA LEU A 41 -20.14 -3.42 10.51
C LEU A 41 -20.65 -3.01 11.88
N VAL A 42 -20.57 -1.71 12.15
CA VAL A 42 -20.97 -1.16 13.41
C VAL A 42 -21.92 -0.02 13.16
N GLN A 43 -23.08 -0.08 13.81
CA GLN A 43 -24.10 0.93 13.63
C GLN A 43 -23.74 2.16 14.45
N ARG A 44 -23.71 3.34 13.82
CA ARG A 44 -23.27 4.54 14.50
C ARG A 44 -24.15 4.87 15.69
N SER A 45 -23.49 5.14 16.80
CA SER A 45 -24.21 5.50 18.01
C SER A 45 -24.32 7.02 18.09
N ASN A 46 -23.69 7.70 17.15
CA ASN A 46 -23.65 9.16 17.16
C ASN A 46 -24.16 9.86 15.90
N HIS A 47 -24.43 11.15 16.06
CA HIS A 47 -24.72 12.01 14.93
C HIS A 47 -23.39 12.41 14.29
N PRO A 48 -23.43 12.78 13.01
CA PRO A 48 -24.60 12.66 12.13
C PRO A 48 -24.82 11.23 11.68
N PHE A 49 -25.90 11.00 10.95
CA PHE A 49 -26.19 9.67 10.44
C PHE A 49 -26.24 8.63 11.54
N LEU A 50 -26.74 9.02 12.69
CA LEU A 50 -26.89 8.09 13.79
C LEU A 50 -27.74 6.92 13.34
N GLY A 51 -27.31 5.71 13.64
CA GLY A 51 -28.07 4.53 13.27
C GLY A 51 -27.81 4.03 11.87
N LEU A 52 -26.89 4.69 11.17
CA LEU A 52 -26.45 4.23 9.86
C LEU A 52 -25.32 3.25 10.09
N TRP A 53 -25.21 2.24 9.24
CA TRP A 53 -24.15 1.24 9.40
C TRP A 53 -22.82 1.71 8.81
N GLY A 54 -21.73 1.45 9.54
CA GLY A 54 -20.41 1.86 9.11
C GLY A 54 -19.31 0.92 9.56
N LEU A 55 -18.08 1.26 9.22
CA LEU A 55 -16.94 0.46 9.61
C LEU A 55 -16.67 0.68 11.09
N PRO A 56 -16.13 -0.34 11.77
CA PRO A 56 -15.62 -0.14 13.14
C PRO A 56 -14.47 0.84 13.05
N GLY A 57 -14.33 1.73 14.01
CA GLY A 57 -13.24 2.68 14.02
C GLY A 57 -13.53 3.83 14.96
N GLY A 58 -12.66 4.83 14.98
CA GLY A 58 -12.85 5.94 15.89
C GLY A 58 -11.60 6.74 16.13
N PHE A 59 -11.70 7.67 17.06
CA PHE A 59 -10.64 8.63 17.32
C PHE A 59 -9.51 7.96 18.03
N ILE A 60 -8.39 8.64 18.03
CA ILE A 60 -7.21 8.20 18.75
C ILE A 60 -7.35 8.63 20.20
N ASP A 61 -6.83 7.81 21.10
CA ASP A 61 -6.82 8.13 22.51
C ASP A 61 -5.37 8.13 22.98
N GLU A 62 -4.80 9.30 23.14
CA GLU A 62 -3.37 9.39 23.38
C GLU A 62 -2.91 8.81 24.73
N THR A 63 -3.84 8.64 25.66
CA THR A 63 -3.50 8.05 26.96
C THR A 63 -3.10 6.58 26.83
N CYS A 64 -3.84 5.85 26.00
CA CYS A 64 -3.63 4.40 25.87
C CYS A 64 -3.15 3.94 24.48
N ASP A 65 -3.31 4.79 23.46
CA ASP A 65 -2.83 4.43 22.13
C ASP A 65 -1.45 5.00 21.91
N GLU A 66 -0.55 4.19 21.37
CA GLU A 66 0.82 4.61 21.22
C GLU A 66 1.27 4.60 19.77
N SER A 67 0.60 3.79 18.95
CA SER A 67 0.76 3.84 17.51
C SER A 67 -0.63 3.82 16.90
N LEU A 68 -0.74 4.20 15.63
CA LEU A 68 -2.02 4.17 14.92
C LEU A 68 -2.61 2.77 14.99
N GLU A 69 -1.78 1.77 14.78
CA GLU A 69 -2.22 0.39 14.82
C GLU A 69 -2.81 0.01 16.17
N GLN A 70 -2.21 0.48 17.26
CA GLN A 70 -2.79 0.23 18.57
C GLN A 70 -4.22 0.77 18.66
N THR A 71 -4.46 1.92 18.03
CA THR A 71 -5.79 2.49 17.98
C THR A 71 -6.77 1.57 17.28
N VAL A 72 -6.47 1.24 16.03
CA VAL A 72 -7.37 0.41 15.24
C VAL A 72 -7.63 -0.91 15.93
N LEU A 73 -6.59 -1.50 16.52
CA LEU A 73 -6.78 -2.73 17.29
C LEU A 73 -7.71 -2.51 18.49
N ARG A 74 -7.53 -1.40 19.20
CA ARG A 74 -8.41 -1.13 20.31
C ARG A 74 -9.84 -0.95 19.83
N LYS A 75 -10.03 -0.35 18.67
CA LYS A 75 -11.39 -0.12 18.19
C LYS A 75 -12.04 -1.42 17.80
N LEU A 76 -11.23 -2.34 17.27
CA LEU A 76 -11.74 -3.64 16.87
C LEU A 76 -12.02 -4.49 18.10
N ALA A 77 -11.08 -4.52 19.04
CA ALA A 77 -11.24 -5.30 20.26
C ALA A 77 -12.45 -4.84 21.07
N GLU A 78 -12.71 -3.54 21.05
CA GLU A 78 -13.85 -2.96 21.74
C GLU A 78 -15.18 -3.46 21.16
N LYS A 79 -15.13 -4.17 20.04
CA LYS A 79 -16.36 -4.67 19.43
C LYS A 79 -16.35 -6.18 19.28
N THR A 80 -15.17 -6.77 19.18
CA THR A 80 -15.07 -8.22 18.99
C THR A 80 -14.45 -8.95 20.17
N ALA A 81 -13.73 -8.22 21.03
CA ALA A 81 -12.96 -8.78 22.14
C ALA A 81 -11.87 -9.73 21.65
N VAL A 82 -11.53 -9.60 20.38
CA VAL A 82 -10.48 -10.41 19.77
C VAL A 82 -9.55 -9.50 18.99
N VAL A 83 -8.26 -9.70 19.17
CA VAL A 83 -7.27 -9.03 18.34
C VAL A 83 -7.07 -9.91 17.12
N PRO A 84 -7.32 -9.35 15.95
CA PRO A 84 -7.24 -10.14 14.72
C PRO A 84 -5.80 -10.49 14.42
N PRO A 85 -5.58 -11.68 13.84
CA PRO A 85 -4.27 -12.25 13.50
C PRO A 85 -3.62 -11.60 12.30
N TYR A 86 -4.39 -10.86 11.51
CA TYR A 86 -3.81 -10.17 10.38
C TYR A 86 -4.31 -8.76 10.25
N ILE A 87 -3.39 -7.82 10.14
CA ILE A 87 -3.81 -6.45 9.92
C ILE A 87 -2.77 -5.61 9.18
N GLU A 88 -3.23 -5.03 8.09
CA GLU A 88 -2.40 -4.24 7.21
C GLU A 88 -3.12 -2.93 6.94
N GLN A 89 -2.36 -1.84 6.90
CA GLN A 89 -2.92 -0.50 6.67
C GLN A 89 -3.29 -0.41 5.20
N LEU A 90 -4.48 0.10 4.90
CA LEU A 90 -4.98 0.06 3.53
C LEU A 90 -4.62 1.33 2.81
N CYS A 91 -5.01 2.44 3.40
CA CYS A 91 -4.73 3.73 2.83
C CYS A 91 -5.34 4.75 3.74
N THR A 92 -5.06 6.01 3.47
CA THR A 92 -5.61 7.10 4.24
C THR A 92 -6.37 8.03 3.33
N VAL A 93 -7.63 8.28 3.65
CA VAL A 93 -8.43 9.17 2.84
C VAL A 93 -8.63 10.49 3.54
N GLY A 94 -8.48 11.58 2.79
CA GLY A 94 -8.66 12.89 3.38
C GLY A 94 -9.00 13.93 2.34
N ASN A 95 -10.13 14.60 2.56
CA ASN A 95 -10.59 15.62 1.65
C ASN A 95 -11.72 16.39 2.29
N ASN A 96 -12.45 17.16 1.49
CA ASN A 96 -13.49 18.06 1.99
C ASN A 96 -14.88 17.66 1.58
N SER A 97 -14.99 16.55 0.87
CA SER A 97 -16.27 16.12 0.33
C SER A 97 -16.91 14.99 1.12
N ARG A 98 -16.10 14.08 1.64
CA ARG A 98 -16.64 12.88 2.27
C ARG A 98 -17.42 13.20 3.54
N ASP A 99 -17.13 14.35 4.15
CA ASP A 99 -17.87 14.81 5.32
C ASP A 99 -18.44 16.22 5.09
N ALA A 100 -19.77 16.33 5.14
CA ALA A 100 -20.45 17.60 4.90
C ALA A 100 -20.01 18.69 5.87
N ARG A 101 -19.49 18.26 7.01
CA ARG A 101 -19.04 19.17 8.05
C ARG A 101 -17.60 19.64 7.82
N GLY A 102 -17.10 19.49 6.60
CA GLY A 102 -15.77 19.96 6.24
C GLY A 102 -14.68 18.91 6.17
N TRP A 103 -13.44 19.37 6.31
CA TRP A 103 -12.28 18.49 6.15
C TRP A 103 -12.27 17.31 7.11
N SER A 104 -11.93 16.14 6.59
CA SER A 104 -12.05 14.91 7.33
C SER A 104 -10.95 13.94 6.92
N VAL A 105 -10.29 13.31 7.89
CA VAL A 105 -9.26 12.33 7.57
C VAL A 105 -9.41 11.01 8.32
N THR A 106 -9.46 9.92 7.56
CA THR A 106 -9.51 8.58 8.14
C THR A 106 -8.31 7.77 7.68
N VAL A 107 -7.65 7.13 8.63
CA VAL A 107 -6.67 6.13 8.29
C VAL A 107 -7.35 4.79 8.41
N CYS A 108 -7.42 4.07 7.29
CA CYS A 108 -8.17 2.82 7.22
C CYS A 108 -7.26 1.61 7.05
N TYR A 109 -7.57 0.55 7.80
CA TYR A 109 -6.87 -0.73 7.75
C TYR A 109 -7.74 -1.84 7.15
N THR A 110 -7.10 -2.96 6.80
CA THR A 110 -7.80 -4.18 6.39
C THR A 110 -7.39 -5.25 7.34
N ALA A 111 -8.34 -6.03 7.82
CA ALA A 111 -8.00 -7.07 8.77
C ALA A 111 -8.72 -8.36 8.46
N LEU A 112 -8.12 -9.47 8.87
CA LEU A 112 -8.77 -10.77 8.80
C LEU A 112 -8.81 -11.46 10.17
N MET A 113 -9.88 -12.22 10.41
CA MET A 113 -9.98 -13.07 11.58
C MET A 113 -10.95 -14.21 11.30
N SER A 114 -11.00 -15.19 12.19
CA SER A 114 -11.91 -16.33 12.00
C SER A 114 -13.29 -16.04 12.59
N TYR A 115 -14.32 -16.55 11.94
CA TYR A 115 -15.71 -16.23 12.24
C TYR A 115 -16.18 -16.69 13.62
N GLN A 116 -15.90 -17.94 13.98
CA GLN A 116 -16.35 -18.47 15.26
C GLN A 116 -15.71 -17.74 16.42
N ALA A 117 -14.42 -17.47 16.28
CA ALA A 117 -13.64 -16.71 17.28
C ALA A 117 -14.37 -15.47 17.76
N CYS A 118 -15.39 -15.04 17.04
CA CYS A 118 -15.96 -13.71 17.24
C CYS A 118 -17.48 -13.69 17.19
N GLN A 119 -18.09 -14.64 16.48
CA GLN A 119 -19.52 -14.62 16.27
C GLN A 119 -20.26 -14.59 17.61
N ILE A 120 -19.90 -15.50 18.50
CA ILE A 120 -20.56 -15.59 19.79
C ILE A 120 -20.83 -14.21 20.41
N GLN A 121 -19.75 -13.48 20.71
CA GLN A 121 -19.86 -12.15 21.29
C GLN A 121 -20.73 -11.14 20.51
N ILE A 122 -20.46 -10.97 19.22
CA ILE A 122 -21.14 -9.94 18.42
C ILE A 122 -22.64 -10.20 18.14
N ALA A 123 -23.13 -11.40 18.46
CA ALA A 123 -24.54 -11.69 18.28
C ALA A 123 -25.28 -11.21 19.51
N SER A 124 -24.59 -11.31 20.64
CA SER A 124 -25.06 -10.73 21.89
C SER A 124 -25.30 -9.22 21.74
N VAL A 125 -24.68 -8.63 20.72
CA VAL A 125 -24.80 -7.19 20.49
C VAL A 125 -25.53 -6.84 19.21
N SER A 126 -26.18 -5.69 19.23
CA SER A 126 -27.14 -5.33 18.18
C SER A 126 -26.63 -4.24 17.24
N ASP A 127 -25.69 -3.43 17.72
CA ASP A 127 -25.10 -2.37 16.91
C ASP A 127 -23.82 -2.89 16.25
N VAL A 128 -23.66 -4.21 16.27
CA VAL A 128 -22.52 -4.87 15.67
C VAL A 128 -22.93 -6.17 15.00
N LYS A 129 -22.58 -6.31 13.73
CA LYS A 129 -23.01 -7.47 12.96
C LYS A 129 -22.04 -7.82 11.83
N TRP A 130 -21.81 -9.11 11.65
CA TRP A 130 -21.20 -9.60 10.44
C TRP A 130 -22.23 -9.53 9.30
N TRP A 131 -21.86 -8.86 8.21
CA TRP A 131 -22.72 -8.73 7.04
C TRP A 131 -22.12 -9.47 5.86
N PRO A 132 -22.96 -10.08 5.03
CA PRO A 132 -22.47 -10.74 3.81
C PRO A 132 -21.93 -9.72 2.84
N LEU A 133 -20.66 -9.82 2.49
CA LEU A 133 -20.03 -8.83 1.66
C LEU A 133 -20.93 -8.49 0.49
N ALA A 134 -21.42 -9.53 -0.17
CA ALA A 134 -22.24 -9.38 -1.36
C ALA A 134 -23.46 -8.46 -1.16
N ASP A 135 -24.03 -8.46 0.03
CA ASP A 135 -25.15 -7.59 0.37
C ASP A 135 -24.72 -6.15 0.63
N VAL A 136 -23.75 -5.98 1.52
CA VAL A 136 -23.23 -4.68 1.88
C VAL A 136 -23.08 -3.76 0.68
N LEU A 137 -22.71 -4.33 -0.46
CA LEU A 137 -22.51 -3.55 -1.66
C LEU A 137 -23.81 -2.90 -2.18
N GLN A 138 -24.85 -2.91 -1.36
CA GLN A 138 -26.16 -2.40 -1.78
C GLN A 138 -26.75 -1.43 -0.77
N MET A 139 -26.69 -1.79 0.50
CA MET A 139 -27.17 -0.91 1.55
C MET A 139 -26.34 0.37 1.63
N PRO A 140 -26.95 1.45 2.12
CA PRO A 140 -26.23 2.73 2.19
C PRO A 140 -25.39 2.76 3.46
N LEU A 141 -24.10 3.10 3.34
CA LEU A 141 -23.23 3.17 4.51
C LEU A 141 -22.69 4.56 4.78
N ALA A 142 -22.31 4.79 6.03
CA ALA A 142 -21.82 6.09 6.45
C ALA A 142 -20.69 6.57 5.56
N PHE A 143 -20.73 7.85 5.24
CA PHE A 143 -19.62 8.49 4.57
C PHE A 143 -19.17 7.70 3.36
N ASP A 144 -17.88 7.48 3.23
CA ASP A 144 -17.36 6.84 2.03
C ASP A 144 -17.00 5.38 2.27
N HIS A 145 -17.50 4.82 3.35
CA HIS A 145 -17.12 3.47 3.77
C HIS A 145 -17.38 2.38 2.74
N LEU A 146 -18.35 2.58 1.85
CA LEU A 146 -18.53 1.65 0.76
C LEU A 146 -17.26 1.54 -0.08
N GLN A 147 -16.75 2.68 -0.51
CA GLN A 147 -15.55 2.68 -1.34
C GLN A 147 -14.40 2.01 -0.62
N LEU A 148 -14.16 2.42 0.61
CA LEU A 148 -13.13 1.81 1.43
C LEU A 148 -13.26 0.29 1.40
N ILE A 149 -14.46 -0.20 1.67
CA ILE A 149 -14.68 -1.63 1.62
C ILE A 149 -14.28 -2.24 0.27
N GLU A 150 -14.61 -1.56 -0.81
CA GLU A 150 -14.25 -2.09 -2.12
C GLU A 150 -12.74 -2.10 -2.33
N GLN A 151 -12.08 -1.01 -1.98
CA GLN A 151 -10.63 -1.01 -2.05
C GLN A 151 -10.13 -2.19 -1.25
N ALA A 152 -10.61 -2.31 -0.02
CA ALA A 152 -10.18 -3.40 0.84
C ALA A 152 -10.27 -4.73 0.12
N ARG A 153 -11.42 -5.03 -0.47
CA ARG A 153 -11.58 -6.35 -1.06
C ARG A 153 -10.84 -6.45 -2.38
N GLU A 154 -10.70 -5.33 -3.08
CA GLU A 154 -9.88 -5.34 -4.28
C GLU A 154 -8.48 -5.80 -3.89
N ARG A 155 -7.88 -5.14 -2.91
CA ARG A 155 -6.54 -5.53 -2.51
C ARG A 155 -6.51 -6.94 -1.96
N LEU A 156 -7.59 -7.35 -1.29
CA LEU A 156 -7.61 -8.69 -0.76
C LEU A 156 -7.56 -9.66 -1.92
N THR A 157 -8.36 -9.33 -2.93
CA THR A 157 -8.37 -10.10 -4.16
C THR A 157 -6.98 -10.18 -4.79
N GLN A 158 -6.23 -9.10 -4.73
CA GLN A 158 -4.86 -9.15 -5.20
C GLN A 158 -4.06 -10.18 -4.40
N LYS A 159 -4.12 -10.08 -3.08
CA LYS A 159 -3.35 -10.98 -2.22
C LYS A 159 -3.70 -12.44 -2.49
N ALA A 160 -4.94 -12.70 -2.89
CA ALA A 160 -5.35 -14.07 -3.22
C ALA A 160 -4.51 -14.60 -4.38
N LEU A 161 -4.12 -13.72 -5.29
CA LEU A 161 -3.33 -14.11 -6.46
C LEU A 161 -1.86 -14.44 -6.17
N TYR A 162 -1.31 -13.87 -5.10
CA TYR A 162 0.13 -14.04 -4.88
C TYR A 162 0.57 -14.21 -3.41
N SER A 163 -0.37 -14.43 -2.51
CA SER A 163 0.00 -14.82 -1.15
C SER A 163 -0.91 -15.96 -0.69
N LEU A 164 -0.85 -16.32 0.60
CA LEU A 164 -1.92 -17.14 1.20
C LEU A 164 -2.57 -16.38 2.33
N VAL A 165 -2.50 -15.06 2.26
CA VAL A 165 -3.05 -14.22 3.32
C VAL A 165 -4.53 -14.46 3.60
N PRO A 166 -5.32 -14.83 2.58
CA PRO A 166 -6.74 -15.14 2.82
C PRO A 166 -6.95 -16.17 3.93
N GLY A 167 -6.02 -17.12 4.06
CA GLY A 167 -6.05 -18.06 5.16
C GLY A 167 -6.40 -17.47 6.52
N PHE A 168 -5.97 -16.23 6.77
CA PHE A 168 -6.22 -15.63 8.07
C PHE A 168 -7.70 -15.37 8.34
N ALA A 169 -8.55 -15.62 7.35
CA ALA A 169 -10.01 -15.50 7.54
C ALA A 169 -10.63 -16.79 8.05
N LEU A 170 -9.87 -17.87 7.97
CA LEU A 170 -10.32 -19.19 8.42
C LEU A 170 -9.98 -19.43 9.87
N SER A 171 -10.61 -20.46 10.42
CA SER A 171 -10.28 -20.94 11.74
C SER A 171 -9.18 -21.99 11.64
N GLU A 172 -8.37 -22.07 12.68
CA GLU A 172 -7.23 -22.98 12.68
C GLU A 172 -7.53 -24.21 13.50
N PRO A 173 -7.20 -25.40 12.99
CA PRO A 173 -6.63 -25.59 11.66
C PRO A 173 -7.73 -25.71 10.62
N PHE A 174 -7.34 -25.71 9.35
CA PHE A 174 -8.29 -25.74 8.26
C PHE A 174 -7.76 -26.66 7.17
N THR A 175 -8.62 -27.09 6.27
CA THR A 175 -8.17 -27.98 5.21
C THR A 175 -7.76 -27.13 4.05
N LEU A 176 -7.05 -27.74 3.12
CA LEU A 176 -6.54 -27.02 1.98
C LEU A 176 -7.65 -26.62 1.00
N PRO A 177 -8.66 -27.47 0.86
CA PRO A 177 -9.77 -27.07 0.01
C PRO A 177 -10.59 -25.95 0.64
N GLU A 178 -10.61 -25.89 1.97
CA GLU A 178 -11.25 -24.77 2.66
C GLU A 178 -10.50 -23.51 2.26
N LEU A 179 -9.19 -23.52 2.45
CA LEU A 179 -8.37 -22.40 2.06
C LEU A 179 -8.64 -22.05 0.60
N GLN A 180 -8.53 -23.05 -0.26
CA GLN A 180 -8.73 -22.85 -1.68
C GLN A 180 -10.06 -22.19 -1.99
N HIS A 181 -11.15 -22.72 -1.44
CA HIS A 181 -12.44 -22.11 -1.77
CA HIS A 181 -12.48 -22.14 -1.65
C HIS A 181 -12.46 -20.64 -1.41
N VAL A 182 -11.75 -20.25 -0.35
CA VAL A 182 -11.73 -18.84 0.03
C VAL A 182 -11.12 -17.99 -1.07
N HIS A 183 -9.99 -18.45 -1.58
CA HIS A 183 -9.37 -17.81 -2.73
C HIS A 183 -10.32 -17.73 -3.91
N GLU A 184 -11.01 -18.84 -4.17
CA GLU A 184 -11.93 -18.93 -5.29
C GLU A 184 -13.04 -17.91 -5.18
N VAL A 185 -13.50 -17.66 -3.97
CA VAL A 185 -14.58 -16.71 -3.77
C VAL A 185 -14.05 -15.30 -3.99
N LEU A 186 -12.82 -15.08 -3.57
CA LEU A 186 -12.19 -13.77 -3.70
C LEU A 186 -11.94 -13.47 -5.17
N LEU A 187 -11.51 -14.49 -5.91
CA LEU A 187 -11.25 -14.33 -7.33
C LEU A 187 -12.54 -14.47 -8.13
N GLY A 188 -13.62 -14.82 -7.46
CA GLY A 188 -14.90 -14.98 -8.13
C GLY A 188 -14.87 -15.95 -9.28
N LYS A 189 -13.97 -16.94 -9.21
CA LYS A 189 -13.89 -17.99 -10.20
C LYS A 189 -13.14 -19.20 -9.63
N PRO A 190 -13.31 -20.37 -10.24
CA PRO A 190 -12.72 -21.55 -9.62
C PRO A 190 -11.23 -21.60 -9.89
N ILE A 191 -10.49 -22.36 -9.09
CA ILE A 191 -9.04 -22.46 -9.23
C ILE A 191 -8.66 -23.91 -9.40
N GLN A 192 -7.65 -24.17 -10.21
CA GLN A 192 -7.16 -25.53 -10.36
C GLN A 192 -6.58 -26.03 -9.03
N GLY A 193 -7.25 -26.99 -8.41
CA GLY A 193 -6.74 -27.61 -7.19
C GLY A 193 -5.28 -28.03 -7.25
N LYS A 194 -4.86 -28.65 -8.34
CA LYS A 194 -3.47 -29.07 -8.44
C LYS A 194 -2.52 -27.88 -8.32
N SER A 195 -2.80 -26.82 -9.07
CA SER A 195 -1.97 -25.61 -9.08
C SER A 195 -1.79 -25.10 -7.67
N PHE A 196 -2.91 -25.00 -6.96
CA PHE A 196 -2.93 -24.49 -5.60
C PHE A 196 -2.07 -25.35 -4.70
N ARG A 197 -2.28 -26.65 -4.79
CA ARG A 197 -1.55 -27.56 -3.92
C ARG A 197 -0.05 -27.48 -4.20
N ARG A 198 0.35 -27.39 -5.47
CA ARG A 198 1.78 -27.22 -5.78
C ARG A 198 2.33 -25.98 -5.12
N ARG A 199 1.67 -24.85 -5.35
CA ARG A 199 2.09 -23.58 -4.78
C ARG A 199 2.25 -23.65 -3.27
N VAL A 200 1.22 -24.14 -2.61
CA VAL A 200 1.26 -24.28 -1.17
C VAL A 200 2.43 -25.14 -0.71
N GLU A 201 2.66 -26.24 -1.42
CA GLU A 201 3.72 -27.18 -1.04
C GLU A 201 5.08 -26.50 -1.15
N GLN A 202 5.27 -25.80 -2.26
CA GLN A 202 6.52 -25.13 -2.56
C GLN A 202 6.80 -23.98 -1.59
N ALA A 203 5.77 -23.21 -1.26
CA ALA A 203 5.92 -22.04 -0.38
C ALA A 203 6.09 -22.43 1.07
N ASP A 204 5.88 -23.71 1.38
CA ASP A 204 6.23 -24.22 2.69
C ASP A 204 5.65 -23.32 3.79
N LEU A 205 4.36 -23.01 3.68
CA LEU A 205 3.71 -22.11 4.61
C LEU A 205 2.69 -22.77 5.56
N LEU A 206 2.34 -24.02 5.30
CA LEU A 206 1.37 -24.68 6.18
C LEU A 206 2.03 -25.70 7.06
N ILE A 207 1.46 -25.87 8.25
CA ILE A 207 1.92 -26.87 9.20
C ILE A 207 0.87 -27.96 9.27
N ASP A 208 1.29 -29.18 8.96
CA ASP A 208 0.38 -30.30 8.94
C ASP A 208 0.21 -30.79 10.36
N THR A 209 -1.00 -30.66 10.89
CA THR A 209 -1.27 -31.08 12.26
C THR A 209 -1.36 -32.59 12.40
N GLY A 210 -1.27 -33.30 11.28
CA GLY A 210 -1.44 -34.74 11.25
C GLY A 210 -2.87 -35.16 11.57
N LEU A 211 -3.72 -34.16 11.80
CA LEU A 211 -5.14 -34.41 12.02
C LEU A 211 -5.89 -34.40 10.70
N LYS A 212 -7.13 -34.86 10.72
CA LYS A 212 -7.98 -34.86 9.52
C LYS A 212 -9.42 -34.47 9.82
N ARG A 213 -10.07 -33.87 8.82
CA ARG A 213 -11.45 -33.44 8.95
C ARG A 213 -12.28 -34.15 7.90
N THR A 214 -13.23 -34.95 8.33
CA THR A 214 -14.04 -35.72 7.41
C THR A 214 -15.42 -35.10 7.29
N GLU A 215 -15.80 -34.74 6.07
CA GLU A 215 -17.09 -34.11 5.80
C GLU A 215 -17.62 -34.48 4.42
N ARG A 216 -18.33 -35.61 4.33
CA ARG A 216 -18.94 -36.02 3.08
C ARG A 216 -17.97 -36.54 2.04
N GLY A 217 -16.71 -36.70 2.41
CA GLY A 217 -15.73 -37.20 1.45
C GLY A 217 -14.56 -37.83 2.16
N ARG A 218 -13.51 -38.13 1.39
CA ARG A 218 -12.24 -38.55 1.96
C ARG A 218 -11.83 -37.56 3.03
N PRO A 219 -11.16 -38.04 4.08
CA PRO A 219 -10.70 -37.12 5.12
C PRO A 219 -9.60 -36.21 4.58
N ALA A 220 -9.60 -34.95 5.01
CA ALA A 220 -8.66 -33.98 4.49
C ALA A 220 -7.73 -33.55 5.60
N ASN A 221 -6.47 -33.32 5.27
CA ASN A 221 -5.54 -32.82 6.27
C ASN A 221 -5.91 -31.46 6.84
N LEU A 222 -5.78 -31.37 8.16
CA LEU A 222 -5.91 -30.09 8.84
C LEU A 222 -4.53 -29.44 9.01
N TYR A 223 -4.47 -28.14 8.75
CA TYR A 223 -3.22 -27.40 8.70
C TYR A 223 -3.34 -26.13 9.52
N CYS A 224 -2.22 -25.61 10.00
CA CYS A 224 -2.17 -24.28 10.61
C CYS A 224 -1.29 -23.38 9.77
N LEU A 225 -1.54 -22.07 9.84
CA LEU A 225 -0.71 -21.09 9.14
C LEU A 225 0.57 -20.78 9.89
N LYS A 226 1.71 -20.87 9.20
CA LYS A 226 2.94 -20.36 9.77
C LYS A 226 2.81 -18.86 9.83
N PRO A 227 3.34 -18.25 10.89
CA PRO A 227 3.18 -16.81 11.08
C PRO A 227 3.58 -16.01 9.85
N ASP A 228 4.68 -16.39 9.19
CA ASP A 228 5.22 -15.59 8.09
C ASP A 228 4.43 -15.71 6.79
N THR A 229 3.23 -16.26 6.87
CA THR A 229 2.31 -16.28 5.74
C THR A 229 1.93 -14.85 5.37
N ALA A 230 1.98 -14.00 6.38
CA ALA A 230 1.65 -12.58 6.24
C ALA A 230 2.55 -11.83 5.25
N SER A 231 3.82 -12.21 5.19
CA SER A 231 4.80 -11.47 4.41
C SER A 231 5.24 -12.22 3.15
N TYR A 232 4.88 -13.49 3.04
CA TYR A 232 5.29 -14.30 1.90
C TYR A 232 4.51 -14.02 0.61
N ARG A 233 5.26 -13.79 -0.46
CA ARG A 233 4.66 -13.52 -1.77
CA ARG A 233 4.65 -13.52 -1.76
C ARG A 233 5.20 -14.47 -2.83
N PHE A 234 4.31 -14.98 -3.67
CA PHE A 234 4.73 -15.86 -4.73
C PHE A 234 5.40 -15.07 -5.86
N LEU A 235 6.34 -15.70 -6.55
CA LEU A 235 7.03 -15.09 -7.70
C LEU A 235 6.08 -14.90 -8.85
N ARG A 236 5.25 -15.91 -9.11
CA ARG A 236 4.27 -15.79 -10.18
C ARG A 236 2.87 -15.69 -9.60
N ASN A 237 2.05 -14.85 -10.23
CA ASN A 237 0.62 -14.76 -9.94
C ASN A 237 -0.12 -15.99 -10.48
N LEU A 238 -1.18 -16.40 -9.80
CA LEU A 238 -2.17 -17.23 -10.45
C LEU A 238 -2.87 -16.34 -11.48
N GLU A 239 -3.63 -16.95 -12.37
CA GLU A 239 -4.46 -16.20 -13.32
C GLU A 239 -5.94 -16.19 -12.90
N GLN C 21 -6.62 19.34 12.03
CA GLN C 21 -5.35 19.02 11.36
C GLN C 21 -4.30 18.63 12.39
N LEU C 22 -3.20 19.41 12.40
CA LEU C 22 -1.97 19.16 13.18
C LEU C 22 -1.19 18.03 12.51
N LEU C 23 -1.78 17.56 11.42
CA LEU C 23 -1.28 16.45 10.65
C LEU C 23 -0.29 16.95 9.60
N THR C 24 0.54 16.06 9.11
CA THR C 24 1.50 16.42 8.09
C THR C 24 1.41 15.53 6.85
N VAL C 25 1.76 16.10 5.70
CA VAL C 25 1.82 15.32 4.45
C VAL C 25 3.20 15.42 3.86
N ASP C 26 3.92 14.29 3.79
CA ASP C 26 5.28 14.27 3.26
C ASP C 26 5.42 13.43 2.00
N ALA C 27 6.51 13.64 1.28
CA ALA C 27 6.77 12.84 0.09
C ALA C 27 8.24 12.43 -0.03
N VAL C 28 8.45 11.19 -0.43
CA VAL C 28 9.77 10.74 -0.80
C VAL C 28 9.84 10.79 -2.32
N LEU C 29 10.57 11.77 -2.85
CA LEU C 29 10.63 11.95 -4.30
C LEU C 29 11.95 11.50 -4.87
N PHE C 30 11.87 10.53 -5.77
CA PHE C 30 13.06 9.94 -6.36
C PHE C 30 13.22 10.40 -7.78
N THR C 31 14.45 10.42 -8.26
CA THR C 31 14.72 10.56 -9.67
C THR C 31 16.01 9.82 -9.90
N TYR C 32 16.46 9.84 -11.15
CA TYR C 32 17.68 9.11 -11.54
C TYR C 32 18.54 9.99 -12.42
N HIS C 33 19.82 10.10 -12.05
CA HIS C 33 20.76 10.92 -12.79
C HIS C 33 22.16 10.53 -12.36
N ASP C 34 23.08 10.45 -13.32
CA ASP C 34 24.46 10.01 -13.06
C ASP C 34 24.47 8.55 -12.68
N GLN C 35 23.72 7.73 -13.41
CA GLN C 35 23.72 6.31 -13.07
C GLN C 35 23.47 6.05 -11.57
N GLN C 36 22.67 6.90 -10.94
CA GLN C 36 22.27 6.65 -9.55
C GLN C 36 20.90 7.27 -9.21
N LEU C 37 20.27 6.74 -8.17
CA LEU C 37 19.05 7.35 -7.63
C LEU C 37 19.40 8.51 -6.72
N LYS C 38 18.66 9.60 -6.89
CA LYS C 38 18.75 10.71 -5.97
C LYS C 38 17.39 10.87 -5.33
N VAL C 39 17.36 11.53 -4.18
CA VAL C 39 16.11 11.77 -3.49
C VAL C 39 16.05 13.24 -3.11
N LEU C 40 14.90 13.86 -3.28
CA LEU C 40 14.76 15.28 -2.94
C LEU C 40 14.61 15.53 -1.46
N LEU C 41 15.48 16.37 -0.92
CA LEU C 41 15.47 16.71 0.50
C LEU C 41 15.36 18.21 0.72
N VAL C 42 14.72 18.58 1.82
CA VAL C 42 14.49 19.97 2.15
C VAL C 42 14.96 20.25 3.55
N GLN C 43 15.74 21.33 3.70
CA GLN C 43 16.31 21.66 4.98
C GLN C 43 15.30 22.46 5.79
N ARG C 44 14.95 21.94 6.96
CA ARG C 44 13.91 22.57 7.80
C ARG C 44 14.23 24.03 8.07
N SER C 45 13.25 24.88 7.79
CA SER C 45 13.40 26.30 8.08
C SER C 45 12.70 26.64 9.38
N ASN C 46 12.33 25.61 10.13
CA ASN C 46 11.71 25.79 11.45
C ASN C 46 12.23 24.86 12.56
N HIS C 47 12.05 25.32 13.79
CA HIS C 47 12.34 24.48 14.93
C HIS C 47 11.23 23.44 15.04
N PRO C 48 11.53 22.31 15.67
CA PRO C 48 12.88 21.96 16.15
C PRO C 48 13.74 21.42 15.03
N PHE C 49 15.00 21.13 15.35
CA PHE C 49 15.92 20.61 14.37
C PHE C 49 16.01 21.54 13.18
N LEU C 50 15.91 22.84 13.46
CA LEU C 50 16.05 23.83 12.42
C LEU C 50 17.37 23.60 11.72
N GLY C 51 17.34 23.49 10.40
CA GLY C 51 18.56 23.30 9.64
C GLY C 51 18.97 21.85 9.51
N LEU C 52 18.08 20.95 9.90
CA LEU C 52 18.32 19.54 9.65
C LEU C 52 17.67 19.21 8.31
N TRP C 53 18.20 18.21 7.62
CA TRP C 53 17.63 17.84 6.33
C TRP C 53 16.47 16.86 6.49
N GLY C 54 15.40 17.10 5.73
CA GLY C 54 14.22 16.27 5.82
C GLY C 54 13.51 16.09 4.50
N LEU C 55 12.36 15.42 4.56
CA LEU C 55 11.53 15.20 3.39
C LEU C 55 10.78 16.48 3.12
N PRO C 56 10.43 16.74 1.84
CA PRO C 56 9.52 17.85 1.52
C PRO C 56 8.16 17.48 2.05
N GLY C 57 7.39 18.47 2.49
CA GLY C 57 6.07 18.21 3.04
C GLY C 57 5.69 19.25 4.06
N GLY C 58 4.50 19.11 4.63
CA GLY C 58 4.00 20.12 5.55
C GLY C 58 2.53 19.97 5.85
N PHE C 59 1.97 21.02 6.42
CA PHE C 59 0.63 20.98 6.94
C PHE C 59 -0.37 21.08 5.84
N ILE C 60 -1.60 20.65 6.12
CA ILE C 60 -2.67 20.78 5.17
C ILE C 60 -3.19 22.22 5.15
N ASP C 61 -3.57 22.70 3.97
CA ASP C 61 -4.16 24.02 3.87
C ASP C 61 -5.57 23.90 3.32
N GLU C 62 -6.54 24.03 4.19
CA GLU C 62 -7.91 23.77 3.80
C GLU C 62 -8.49 24.80 2.80
N THR C 63 -7.81 25.93 2.63
CA THR C 63 -8.33 26.93 1.72
C THR C 63 -8.02 26.59 0.26
N CYS C 64 -6.91 25.90 0.03
CA CYS C 64 -6.52 25.52 -1.33
C CYS C 64 -6.40 24.00 -1.55
N ASP C 65 -6.11 23.26 -0.49
CA ASP C 65 -6.06 21.81 -0.58
C ASP C 65 -7.46 21.19 -0.47
N GLU C 66 -7.80 20.32 -1.41
CA GLU C 66 -9.11 19.71 -1.38
C GLU C 66 -9.03 18.20 -1.16
N SER C 67 -7.83 17.64 -1.33
CA SER C 67 -7.58 16.26 -0.98
C SER C 67 -6.14 16.18 -0.49
N LEU C 68 -5.82 15.13 0.26
CA LEU C 68 -4.45 14.93 0.76
C LEU C 68 -3.45 14.99 -0.38
N GLU C 69 -3.79 14.38 -1.51
CA GLU C 69 -2.91 14.38 -2.66
C GLU C 69 -2.62 15.81 -3.13
N GLN C 70 -3.66 16.62 -3.18
CA GLN C 70 -3.49 18.03 -3.53
C GLN C 70 -2.48 18.72 -2.63
N THR C 71 -2.46 18.31 -1.37
CA THR C 71 -1.53 18.88 -0.42
C THR C 71 -0.11 18.50 -0.77
N VAL C 72 0.12 17.21 -0.98
CA VAL C 72 1.47 16.74 -1.22
C VAL C 72 1.98 17.22 -2.57
N LEU C 73 1.06 17.40 -3.52
CA LEU C 73 1.42 18.03 -4.78
C LEU C 73 1.81 19.50 -4.58
N ARG C 74 1.04 20.20 -3.76
CA ARG C 74 1.38 21.58 -3.47
C ARG C 74 2.73 21.71 -2.77
N LYS C 75 3.03 20.83 -1.83
CA LYS C 75 4.28 20.93 -1.08
C LYS C 75 5.45 20.67 -2.01
N LEU C 76 5.30 19.70 -2.90
CA LEU C 76 6.35 19.40 -3.85
C LEU C 76 6.52 20.57 -4.83
N ALA C 77 5.43 21.04 -5.41
CA ALA C 77 5.47 22.11 -6.39
C ALA C 77 6.14 23.36 -5.84
N GLU C 78 5.89 23.64 -4.57
CA GLU C 78 6.52 24.77 -3.88
C GLU C 78 8.04 24.65 -3.77
N LYS C 79 8.60 23.54 -4.20
CA LYS C 79 10.05 23.33 -4.10
C LYS C 79 10.68 22.98 -5.44
N THR C 80 9.90 22.35 -6.32
CA THR C 80 10.42 21.90 -7.60
C THR C 80 9.82 22.64 -8.79
N ALA C 81 8.66 23.26 -8.56
CA ALA C 81 7.89 23.96 -9.58
C ALA C 81 7.24 23.04 -10.62
N VAL C 82 7.40 21.74 -10.48
CA VAL C 82 6.64 20.80 -11.32
C VAL C 82 5.91 19.72 -10.55
N VAL C 83 4.71 19.44 -11.03
CA VAL C 83 3.91 18.32 -10.57
C VAL C 83 4.53 17.05 -11.17
N PRO C 84 4.90 16.10 -10.31
CA PRO C 84 5.57 14.90 -10.81
C PRO C 84 4.57 13.97 -11.47
N PRO C 85 5.02 13.19 -12.48
CA PRO C 85 4.19 12.33 -13.30
C PRO C 85 3.70 11.09 -12.57
N TYR C 86 4.33 10.78 -11.45
CA TYR C 86 3.93 9.59 -10.70
C TYR C 86 3.90 9.83 -9.20
N ILE C 87 2.77 9.50 -8.59
CA ILE C 87 2.58 9.78 -7.18
C ILE C 87 1.70 8.70 -6.56
N GLU C 88 2.25 8.00 -5.58
CA GLU C 88 1.52 6.94 -4.89
C GLU C 88 1.60 7.17 -3.39
N GLN C 89 0.51 6.91 -2.69
CA GLN C 89 0.51 7.03 -1.23
C GLN C 89 1.29 5.87 -0.67
N LEU C 90 2.20 6.14 0.27
CA LEU C 90 3.10 5.10 0.75
C LEU C 90 2.58 4.47 2.01
N CYS C 91 2.37 5.30 3.01
CA CYS C 91 1.80 4.85 4.25
C CYS C 91 1.60 6.05 5.12
N THR C 92 0.99 5.82 6.28
CA THR C 92 0.81 6.87 7.27
C THR C 92 1.44 6.42 8.57
N VAL C 93 2.27 7.26 9.14
CA VAL C 93 2.90 6.92 10.41
C VAL C 93 2.33 7.77 11.52
N GLY C 94 2.04 7.14 12.65
CA GLY C 94 1.50 7.88 13.77
C GLY C 94 1.74 7.18 15.08
N ASN C 95 2.41 7.88 15.98
CA ASN C 95 2.72 7.33 17.28
C ASN C 95 3.23 8.45 18.17
N ASN C 96 3.77 8.10 19.33
CA ASN C 96 4.15 9.11 20.32
C ASN C 96 5.64 9.17 20.56
N SER C 97 6.40 8.63 19.63
CA SER C 97 7.82 8.53 19.82
C SER C 97 8.60 9.23 18.70
N ARG C 98 8.04 9.29 17.50
CA ARG C 98 8.77 9.85 16.37
C ARG C 98 9.05 11.33 16.60
N ASP C 99 8.20 11.98 17.39
CA ASP C 99 8.35 13.39 17.74
C ASP C 99 8.39 13.53 19.28
N ALA C 100 9.42 14.20 19.79
CA ALA C 100 9.59 14.33 21.23
C ALA C 100 8.50 15.18 21.88
N ARG C 101 7.86 16.03 21.07
CA ARG C 101 6.78 16.88 21.57
C ARG C 101 5.50 16.09 21.80
N GLY C 102 5.44 14.87 21.28
CA GLY C 102 4.27 14.03 21.49
C GLY C 102 3.71 13.41 20.22
N TRP C 103 2.41 13.13 20.25
CA TRP C 103 1.76 12.42 19.15
C TRP C 103 1.82 13.21 17.87
N SER C 104 2.34 12.58 16.82
CA SER C 104 2.44 13.23 15.52
C SER C 104 2.00 12.26 14.44
N VAL C 105 1.36 12.79 13.40
CA VAL C 105 0.98 11.93 12.28
C VAL C 105 1.44 12.50 10.95
N THR C 106 1.97 11.63 10.10
CA THR C 106 2.38 12.02 8.77
C THR C 106 1.80 11.07 7.73
N VAL C 107 1.15 11.64 6.72
CA VAL C 107 0.75 10.86 5.58
C VAL C 107 1.84 11.02 4.53
N CYS C 108 2.53 9.93 4.27
CA CYS C 108 3.67 9.92 3.37
C CYS C 108 3.37 9.33 1.99
N TYR C 109 3.87 10.01 0.95
CA TYR C 109 3.74 9.58 -0.43
C TYR C 109 5.09 9.19 -1.05
N THR C 110 5.04 8.50 -2.19
CA THR C 110 6.24 8.19 -2.97
C THR C 110 6.05 8.79 -4.34
N ALA C 111 7.07 9.44 -4.86
CA ALA C 111 6.93 10.04 -6.18
C ALA C 111 8.16 9.86 -7.06
N LEU C 112 7.93 9.89 -8.36
CA LEU C 112 9.02 9.92 -9.31
C LEU C 112 8.86 11.09 -10.26
N MET C 113 9.99 11.70 -10.65
CA MET C 113 10.02 12.68 -11.72
C MET C 113 11.37 12.64 -12.41
N SER C 114 11.50 13.35 -13.53
CA SER C 114 12.78 13.40 -14.24
C SER C 114 13.68 14.47 -13.64
N TYR C 115 14.98 14.21 -13.66
CA TYR C 115 15.99 15.07 -13.04
C TYR C 115 16.17 16.45 -13.72
N GLN C 116 16.21 16.48 -15.04
CA GLN C 116 16.32 17.73 -15.77
C GLN C 116 15.14 18.65 -15.47
N ALA C 117 13.95 18.08 -15.53
CA ALA C 117 12.71 18.81 -15.31
C ALA C 117 12.77 19.79 -14.15
N CYS C 118 13.60 19.52 -13.14
CA CYS C 118 13.62 20.39 -11.97
C CYS C 118 15.01 20.69 -11.39
N GLN C 119 16.06 20.10 -11.94
CA GLN C 119 17.39 20.37 -11.41
C GLN C 119 17.67 21.86 -11.45
N ILE C 120 17.38 22.48 -12.60
CA ILE C 120 17.65 23.90 -12.77
C ILE C 120 17.13 24.73 -11.58
N GLN C 121 15.85 24.57 -11.26
CA GLN C 121 15.24 25.34 -10.18
CA GLN C 121 15.23 25.33 -10.18
C GLN C 121 15.86 25.07 -8.81
N ILE C 122 15.93 23.80 -8.41
CA ILE C 122 16.42 23.44 -7.07
C ILE C 122 17.88 23.86 -6.82
N ALA C 123 18.61 24.17 -7.89
CA ALA C 123 20.02 24.46 -7.76
C ALA C 123 20.24 25.91 -7.33
N SER C 124 19.38 26.79 -7.82
CA SER C 124 19.45 28.20 -7.45
C SER C 124 18.88 28.38 -6.04
N VAL C 125 18.57 27.25 -5.39
CA VAL C 125 18.08 27.26 -4.01
C VAL C 125 18.91 26.36 -3.08
N SER C 126 19.05 26.82 -1.85
CA SER C 126 20.03 26.24 -0.93
C SER C 126 19.40 25.32 0.11
N ASP C 127 18.11 25.53 0.41
CA ASP C 127 17.41 24.69 1.37
C ASP C 127 16.75 23.51 0.67
N VAL C 128 17.13 23.28 -0.59
CA VAL C 128 16.56 22.19 -1.39
C VAL C 128 17.60 21.59 -2.32
N LYS C 129 17.69 20.26 -2.33
CA LYS C 129 18.76 19.58 -3.03
C LYS C 129 18.45 18.12 -3.35
N TRP C 130 18.88 17.68 -4.53
CA TRP C 130 18.89 16.26 -4.86
C TRP C 130 20.07 15.57 -4.18
N TRP C 131 19.79 14.57 -3.35
CA TRP C 131 20.84 13.84 -2.67
C TRP C 131 20.94 12.43 -3.23
N PRO C 132 22.16 11.90 -3.31
CA PRO C 132 22.38 10.52 -3.75
C PRO C 132 21.82 9.56 -2.73
N LEU C 133 20.90 8.70 -3.16
CA LEU C 133 20.21 7.82 -2.23
C LEU C 133 21.22 7.18 -1.32
N ALA C 134 22.27 6.64 -1.92
CA ALA C 134 23.29 5.89 -1.22
C ALA C 134 23.93 6.66 -0.06
N ASP C 135 24.17 7.96 -0.27
CA ASP C 135 24.68 8.83 0.78
C ASP C 135 23.67 8.98 1.91
N VAL C 136 22.61 9.71 1.62
CA VAL C 136 21.44 9.85 2.49
C VAL C 136 21.34 8.83 3.61
N LEU C 137 21.49 7.56 3.26
CA LEU C 137 21.39 6.49 4.25
C LEU C 137 22.45 6.59 5.36
N GLN C 138 23.23 7.67 5.33
CA GLN C 138 24.28 7.94 6.32
C GLN C 138 24.08 9.29 6.99
N MET C 139 23.33 10.15 6.34
CA MET C 139 23.02 11.46 6.90
C MET C 139 22.03 11.34 8.04
N PRO C 140 22.20 12.16 9.07
CA PRO C 140 21.16 12.25 10.09
C PRO C 140 20.01 13.07 9.54
N LEU C 141 18.80 12.52 9.54
CA LEU C 141 17.64 13.25 9.02
C LEU C 141 16.57 13.48 10.06
N ALA C 142 15.73 14.47 9.78
CA ALA C 142 14.67 14.85 10.72
C ALA C 142 13.79 13.66 11.04
N PHE C 143 13.43 13.56 12.31
CA PHE C 143 12.46 12.57 12.75
C PHE C 143 12.73 11.19 12.19
N ASP C 144 11.69 10.57 11.64
CA ASP C 144 11.82 9.20 11.18
C ASP C 144 11.95 9.09 9.67
N HIS C 145 12.32 10.21 9.05
CA HIS C 145 12.32 10.28 7.60
C HIS C 145 13.24 9.28 6.91
N LEU C 146 14.35 8.94 7.55
CA LEU C 146 15.22 7.91 7.02
C LEU C 146 14.44 6.62 6.82
N GLN C 147 13.68 6.23 7.82
CA GLN C 147 12.94 4.98 7.72
C GLN C 147 11.95 5.08 6.57
N LEU C 148 11.19 6.16 6.55
CA LEU C 148 10.25 6.41 5.46
C LEU C 148 10.94 6.25 4.10
N ILE C 149 12.09 6.88 3.94
CA ILE C 149 12.81 6.74 2.69
C ILE C 149 13.15 5.28 2.37
N GLU C 150 13.67 4.56 3.36
CA GLU C 150 13.98 3.17 3.13
C GLU C 150 12.73 2.42 2.72
N GLN C 151 11.64 2.70 3.42
CA GLN C 151 10.39 2.03 3.10
C GLN C 151 10.02 2.34 1.65
N ALA C 152 10.07 3.62 1.28
CA ALA C 152 9.78 4.04 -0.08
C ALA C 152 10.61 3.26 -1.07
N ARG C 153 11.91 3.18 -0.81
CA ARG C 153 12.79 2.57 -1.79
C ARG C 153 12.58 1.06 -1.85
N GLU C 154 12.15 0.47 -0.73
CA GLU C 154 11.86 -0.95 -0.75
C GLU C 154 10.67 -1.18 -1.66
N ARG C 155 9.60 -0.44 -1.40
CA ARG C 155 8.41 -0.54 -2.24
C ARG C 155 8.75 -0.28 -3.70
N LEU C 156 9.61 0.69 -3.95
CA LEU C 156 10.00 0.99 -5.31
C LEU C 156 10.68 -0.24 -5.90
N THR C 157 11.61 -0.80 -5.13
CA THR C 157 12.30 -1.99 -5.55
C THR C 157 11.33 -3.09 -5.94
N GLN C 158 10.26 -3.21 -5.17
CA GLN C 158 9.22 -4.16 -5.50
C GLN C 158 8.66 -3.88 -6.88
N LYS C 159 8.30 -2.62 -7.13
CA LYS C 159 7.73 -2.23 -8.42
C LYS C 159 8.68 -2.52 -9.57
N ALA C 160 9.98 -2.47 -9.28
CA ALA C 160 10.96 -2.81 -10.30
C ALA C 160 10.77 -4.25 -10.76
N LEU C 161 10.36 -5.13 -9.85
CA LEU C 161 10.14 -6.55 -10.17
C LEU C 161 8.91 -6.85 -11.00
N TYR C 162 7.88 -6.00 -10.91
CA TYR C 162 6.63 -6.33 -11.57
C TYR C 162 5.88 -5.17 -12.28
N SER C 163 6.56 -4.07 -12.55
CA SER C 163 5.97 -3.02 -13.37
C SER C 163 7.07 -2.30 -14.15
N LEU C 164 6.71 -1.21 -14.84
CA LEU C 164 7.72 -0.35 -15.45
C LEU C 164 7.64 1.02 -14.80
N VAL C 165 7.15 1.05 -13.58
CA VAL C 165 6.93 2.31 -12.90
C VAL C 165 8.23 3.12 -12.74
N PRO C 166 9.38 2.45 -12.57
CA PRO C 166 10.64 3.20 -12.43
C PRO C 166 10.89 4.15 -13.59
N GLY C 167 10.42 3.78 -14.78
CA GLY C 167 10.48 4.65 -15.94
C GLY C 167 10.16 6.11 -15.64
N PHE C 168 9.21 6.35 -14.73
CA PHE C 168 8.80 7.70 -14.41
C PHE C 168 9.92 8.57 -13.82
N ALA C 169 11.06 7.96 -13.48
CA ALA C 169 12.22 8.70 -12.99
C ALA C 169 13.11 9.22 -14.12
N LEU C 170 12.85 8.74 -15.33
CA LEU C 170 13.60 9.15 -16.51
C LEU C 170 12.99 10.35 -17.19
N SER C 171 13.78 10.98 -18.04
CA SER C 171 13.28 11.99 -18.93
C SER C 171 12.69 11.33 -20.18
N GLU C 172 11.66 11.95 -20.74
CA GLU C 172 11.01 11.43 -21.92
C GLU C 172 11.48 12.15 -23.17
N PRO C 173 11.83 11.39 -24.21
CA PRO C 173 11.79 9.94 -24.22
C PRO C 173 13.10 9.37 -23.74
N PHE C 174 13.16 8.04 -23.60
CA PHE C 174 14.36 7.37 -23.12
C PHE C 174 14.55 6.07 -23.84
N THR C 175 15.75 5.52 -23.76
CA THR C 175 16.05 4.28 -24.45
C THR C 175 15.73 3.17 -23.50
N LEU C 176 15.64 1.98 -24.04
CA LEU C 176 15.26 0.84 -23.25
C LEU C 176 16.39 0.38 -22.31
N PRO C 177 17.64 0.56 -22.71
CA PRO C 177 18.71 0.21 -21.77
C PRO C 177 18.81 1.22 -20.64
N GLU C 178 18.37 2.45 -20.88
CA GLU C 178 18.32 3.44 -19.82
C GLU C 178 17.34 2.94 -18.78
N LEU C 179 16.12 2.70 -19.23
CA LEU C 179 15.09 2.17 -18.35
C LEU C 179 15.63 0.96 -17.59
N GLN C 180 16.16 0.01 -18.33
CA GLN C 180 16.68 -1.21 -17.73
C GLN C 180 17.68 -0.90 -16.63
N HIS C 181 18.69 -0.09 -16.92
CA HIS C 181 19.70 0.19 -15.90
CA HIS C 181 19.70 0.27 -15.93
C HIS C 181 19.05 0.74 -14.63
N VAL C 182 17.99 1.53 -14.78
CA VAL C 182 17.31 2.05 -13.59
C VAL C 182 16.78 0.92 -12.74
N HIS C 183 16.11 -0.04 -13.38
CA HIS C 183 15.70 -1.25 -12.69
C HIS C 183 16.87 -1.97 -12.03
N GLU C 184 17.98 -2.06 -12.76
CA GLU C 184 19.15 -2.78 -12.29
C GLU C 184 19.71 -2.15 -11.03
N VAL C 185 19.61 -0.84 -10.95
CA VAL C 185 20.16 -0.15 -9.80
C VAL C 185 19.27 -0.38 -8.59
N LEU C 186 17.98 -0.46 -8.87
CA LEU C 186 16.97 -0.65 -7.85
C LEU C 186 17.04 -2.04 -7.27
N LEU C 187 17.29 -3.03 -8.13
CA LEU C 187 17.45 -4.39 -7.67
C LEU C 187 18.87 -4.68 -7.23
N GLY C 188 19.78 -3.74 -7.47
CA GLY C 188 21.17 -3.93 -7.10
C GLY C 188 21.83 -5.14 -7.74
N LYS C 189 21.41 -5.45 -8.96
CA LYS C 189 22.01 -6.56 -9.69
C LYS C 189 21.58 -6.50 -11.14
N PRO C 190 22.41 -7.02 -12.05
CA PRO C 190 22.10 -6.89 -13.47
C PRO C 190 20.88 -7.72 -13.84
N ILE C 191 20.29 -7.41 -14.99
CA ILE C 191 19.07 -8.06 -15.46
C ILE C 191 19.32 -8.51 -16.87
N GLN C 192 18.90 -9.73 -17.20
CA GLN C 192 19.03 -10.15 -18.58
C GLN C 192 18.29 -9.16 -19.48
N GLY C 193 19.04 -8.46 -20.32
CA GLY C 193 18.44 -7.55 -21.28
C GLY C 193 17.35 -8.20 -22.12
N LYS C 194 17.56 -9.43 -22.56
CA LYS C 194 16.58 -10.08 -23.40
C LYS C 194 15.26 -10.24 -22.65
N SER C 195 15.33 -10.65 -21.39
CA SER C 195 14.14 -10.87 -20.58
C SER C 195 13.35 -9.59 -20.52
N PHE C 196 14.06 -8.51 -20.18
CA PHE C 196 13.45 -7.18 -20.07
C PHE C 196 12.75 -6.80 -21.35
N ARG C 197 13.45 -6.92 -22.46
CA ARG C 197 12.87 -6.52 -23.74
C ARG C 197 11.61 -7.33 -24.02
N ARG C 198 11.66 -8.64 -23.79
CA ARG C 198 10.48 -9.48 -23.98
C ARG C 198 9.30 -8.94 -23.20
N ARG C 199 9.52 -8.71 -21.91
CA ARG C 199 8.49 -8.18 -21.02
C ARG C 199 7.90 -6.87 -21.53
N VAL C 200 8.78 -5.95 -21.87
CA VAL C 200 8.34 -4.68 -22.40
C VAL C 200 7.47 -4.80 -23.65
N GLU C 201 7.92 -5.58 -24.64
CA GLU C 201 7.16 -5.71 -25.90
C GLU C 201 5.79 -6.27 -25.59
N GLN C 202 5.78 -7.26 -24.70
CA GLN C 202 4.55 -7.95 -24.34
C GLN C 202 3.60 -6.99 -23.63
N ALA C 203 4.08 -6.33 -22.59
CA ALA C 203 3.25 -5.43 -21.78
C ALA C 203 2.77 -4.23 -22.58
N ASP C 204 3.41 -3.98 -23.72
CA ASP C 204 2.90 -2.99 -24.66
C ASP C 204 2.71 -1.65 -23.95
N LEU C 205 3.74 -1.22 -23.23
CA LEU C 205 3.64 -0.02 -22.43
C LEU C 205 4.51 1.12 -22.95
N LEU C 206 5.29 0.86 -24.00
CA LEU C 206 6.14 1.91 -24.54
C LEU C 206 5.70 2.36 -25.91
N ILE C 207 5.90 3.64 -26.17
CA ILE C 207 5.56 4.23 -27.45
C ILE C 207 6.85 4.52 -28.19
N ASP C 208 7.08 3.82 -29.29
CA ASP C 208 8.29 4.04 -30.06
C ASP C 208 8.13 5.32 -30.86
N THR C 209 8.97 6.30 -30.55
CA THR C 209 8.93 7.61 -31.19
C THR C 209 9.55 7.62 -32.58
N GLY C 210 10.31 6.58 -32.90
CA GLY C 210 10.99 6.49 -34.19
C GLY C 210 12.29 7.28 -34.21
N LEU C 211 12.58 7.94 -33.11
CA LEU C 211 13.85 8.64 -32.96
C LEU C 211 14.88 7.69 -32.36
N LYS C 212 16.15 8.06 -32.47
CA LYS C 212 17.23 7.29 -31.85
C LYS C 212 18.17 8.20 -31.08
N ARG C 213 18.89 7.63 -30.13
CA ARG C 213 19.87 8.36 -29.34
C ARG C 213 21.17 7.58 -29.38
N THR C 214 22.24 8.25 -29.80
CA THR C 214 23.51 7.56 -29.97
C THR C 214 24.52 8.02 -28.94
N GLU C 215 25.15 7.05 -28.27
CA GLU C 215 26.12 7.32 -27.22
C GLU C 215 27.17 6.21 -27.15
N ARG C 216 28.07 6.20 -28.12
CA ARG C 216 29.21 5.29 -28.11
C ARG C 216 28.84 3.87 -28.51
N GLY C 217 27.65 3.69 -29.05
CA GLY C 217 27.26 2.36 -29.50
C GLY C 217 26.36 2.48 -30.71
N ARG C 218 25.69 1.39 -31.06
CA ARG C 218 24.60 1.44 -32.03
C ARG C 218 23.57 2.43 -31.51
N PRO C 219 22.88 3.12 -32.42
CA PRO C 219 21.84 4.06 -31.97
C PRO C 219 20.65 3.29 -31.41
N ALA C 220 20.07 3.79 -30.32
CA ALA C 220 19.00 3.07 -29.64
C ALA C 220 17.67 3.78 -29.79
N ASN C 221 16.59 3.03 -29.95
CA ASN C 221 15.27 3.64 -29.95
C ASN C 221 14.94 4.45 -28.70
N LEU C 222 14.32 5.61 -28.93
CA LEU C 222 13.76 6.44 -27.89
C LEU C 222 12.27 6.18 -27.77
N TYR C 223 11.80 6.02 -26.53
CA TYR C 223 10.42 5.66 -26.26
C TYR C 223 9.83 6.61 -25.23
N CYS C 224 8.50 6.72 -25.22
CA CYS C 224 7.80 7.45 -24.18
C CYS C 224 6.92 6.46 -23.44
N LEU C 225 6.58 6.79 -22.20
CA LEU C 225 5.72 5.94 -21.37
C LEU C 225 4.25 6.16 -21.68
N LYS C 226 3.52 5.08 -21.93
CA LYS C 226 2.07 5.16 -21.98
C LYS C 226 1.60 5.43 -20.55
N PRO C 227 0.55 6.23 -20.39
CA PRO C 227 0.12 6.59 -19.04
C PRO C 227 -0.16 5.40 -18.13
N ASP C 228 -0.82 4.37 -18.64
CA ASP C 228 -1.26 3.27 -17.79
C ASP C 228 -0.12 2.39 -17.32
N THR C 229 1.11 2.86 -17.50
CA THR C 229 2.27 2.18 -16.95
C THR C 229 2.17 2.16 -15.43
N ALA C 230 1.56 3.22 -14.91
CA ALA C 230 1.28 3.37 -13.49
C ALA C 230 0.47 2.22 -12.89
N SER C 231 -0.48 1.70 -13.67
CA SER C 231 -1.41 0.71 -13.16
C SER C 231 -1.06 -0.70 -13.59
N TYR C 232 -0.23 -0.83 -14.62
CA TYR C 232 0.06 -2.14 -15.19
C TYR C 232 1.03 -2.97 -14.38
N ARG C 233 0.65 -4.22 -14.12
CA ARG C 233 1.47 -5.11 -13.33
CA ARG C 233 1.44 -5.14 -13.32
C ARG C 233 1.72 -6.43 -14.08
N PHE C 234 2.95 -6.90 -14.02
CA PHE C 234 3.27 -8.14 -14.68
C PHE C 234 2.72 -9.31 -13.88
N LEU C 235 2.35 -10.39 -14.59
CA LEU C 235 1.82 -11.58 -13.95
C LEU C 235 2.92 -12.38 -13.27
N ARG C 236 4.12 -12.36 -13.82
CA ARG C 236 5.25 -12.97 -13.15
C ARG C 236 6.27 -11.91 -12.77
N ASN C 237 6.93 -12.13 -11.63
CA ASN C 237 8.02 -11.28 -11.19
C ASN C 237 9.29 -11.65 -11.93
N LEU C 238 10.25 -10.73 -12.00
CA LEU C 238 11.62 -11.12 -12.31
C LEU C 238 12.20 -11.71 -11.02
N GLU C 239 13.45 -12.15 -11.08
CA GLU C 239 14.18 -12.53 -9.88
C GLU C 239 15.28 -11.51 -9.54
NA NA E . -1.06 2.92 2.51
#